data_1GNI
#
_entry.id   1GNI
#
_cell.length_a   188.386
_cell.length_b   38.923
_cell.length_c   95.477
_cell.angle_alpha   90.00
_cell.angle_beta   104.86
_cell.angle_gamma   90.00
#
_symmetry.space_group_name_H-M   'C 1 2 1'
#
loop_
_entity.id
_entity.type
_entity.pdbx_description
1 polymer 'SERUM ALBUMIN'
2 non-polymer 'OLEIC ACID'
3 water water
#
_entity_poly.entity_id   1
_entity_poly.type   'polypeptide(L)'
_entity_poly.pdbx_seq_one_letter_code
;DAHKSEVAHRFKDLGEENFKALVLIAFAQYLQQCPFEDHVKLVNEVTEFAKTCVADESAENCDKSLHTLFGDKLCTVATL
RETYGEMADCCAKQEPERNECFLQHKDDNPNLPRLVRPEVDVMCTAFHDNEETFLKKYLYEIARRHPYFYAPELLFFAKR
YKAAFTECCQAADKAACLLPKLDELRDEGKASSAKQRLKCASLQKFGERAFKAWAVARLSQRFPKAEFAEVSKLVTDLTK
VHTECCHGDLLECADDRADLAKYICENQDSISSKLKECCEKPLLEKSHCIAEVENDEMPADLPSLAADFVESKDVCKNYA
EAKDVFLGMFLYEYARRHPDYSVVLLLRLAKTYETTLEKCCAAADPHECYAKVFDEFKPLVEEPQNLIKQNCELFEQLGE
YKFQNALLVRYTKKVPQVSTPTLVEVSRNLGKVGSKCCKHPEAKRMPCAEDYLSVVLNQLCVLHEKTPVSDRVTKCCTES
LVNRRPCFSALEVDETYVPKEFNAETFTFHADICTLSEKERQIKKQTALVELVKHKPKATKEQLKAVMDDFAAFVEKCCK
ADDKETCFAEEGKKLVAASQAALGL
;
_entity_poly.pdbx_strand_id   A
#
loop_
_chem_comp.id
_chem_comp.type
_chem_comp.name
_chem_comp.formula
OLA non-polymer 'OLEIC ACID' 'C18 H34 O2'
#
# COMPACT_ATOMS: atom_id res chain seq x y z
N HIS A 3 -29.00 -12.70 22.70
CA HIS A 3 -29.50 -11.31 22.84
C HIS A 3 -30.07 -10.78 21.51
N LYS A 4 -31.36 -10.44 21.51
CA LYS A 4 -32.07 -9.90 20.36
C LYS A 4 -31.77 -10.56 19.01
N SER A 5 -31.63 -9.74 17.97
CA SER A 5 -31.35 -10.23 16.62
C SER A 5 -30.15 -9.51 15.99
N GLU A 6 -29.14 -10.28 15.59
CA GLU A 6 -27.96 -9.70 14.98
C GLU A 6 -28.28 -8.88 13.72
N VAL A 7 -28.99 -9.48 12.76
CA VAL A 7 -29.34 -8.76 11.54
C VAL A 7 -30.05 -7.44 11.78
N ALA A 8 -31.07 -7.48 12.62
CA ALA A 8 -31.83 -6.28 12.93
C ALA A 8 -30.90 -5.22 13.47
N HIS A 9 -30.02 -5.63 14.38
CA HIS A 9 -29.08 -4.71 15.01
C HIS A 9 -28.13 -4.06 14.01
N ARG A 10 -27.50 -4.88 13.20
CA ARG A 10 -26.57 -4.37 12.20
C ARG A 10 -27.30 -3.45 11.23
N PHE A 11 -28.54 -3.83 10.91
CA PHE A 11 -29.36 -3.06 10.00
C PHE A 11 -29.69 -1.70 10.59
N LYS A 12 -30.01 -1.65 11.87
CA LYS A 12 -30.32 -0.37 12.49
C LYS A 12 -29.03 0.48 12.58
N ASP A 13 -27.91 -0.12 12.96
CA ASP A 13 -26.66 0.65 13.01
C ASP A 13 -26.26 1.20 11.62
N LEU A 14 -26.04 0.31 10.65
CA LEU A 14 -25.63 0.71 9.31
C LEU A 14 -26.59 1.63 8.52
N GLY A 15 -27.89 1.36 8.59
CA GLY A 15 -28.85 2.13 7.83
C GLY A 15 -29.11 1.25 6.62
N GLU A 16 -30.29 1.37 6.00
CA GLU A 16 -30.60 0.52 4.86
C GLU A 16 -29.60 0.65 3.71
N GLU A 17 -29.28 1.88 3.32
CA GLU A 17 -28.35 2.12 2.22
C GLU A 17 -26.98 1.46 2.39
N ASN A 18 -26.38 1.60 3.58
CA ASN A 18 -25.08 1.00 3.80
C ASN A 18 -25.17 -0.52 3.86
N PHE A 19 -26.22 -1.03 4.50
CA PHE A 19 -26.45 -2.46 4.64
C PHE A 19 -26.49 -3.19 3.30
N LYS A 20 -27.22 -2.60 2.35
CA LYS A 20 -27.41 -3.17 1.02
C LYS A 20 -26.12 -3.14 0.22
N ALA A 21 -25.36 -2.06 0.35
CA ALA A 21 -24.10 -1.97 -0.39
C ALA A 21 -23.09 -2.98 0.22
N LEU A 22 -23.15 -3.18 1.52
CA LEU A 22 -22.21 -4.11 2.18
C LEU A 22 -22.55 -5.55 1.91
N VAL A 23 -23.84 -5.87 1.89
CA VAL A 23 -24.25 -7.23 1.62
C VAL A 23 -23.84 -7.59 0.18
N LEU A 24 -23.92 -6.61 -0.72
CA LEU A 24 -23.53 -6.85 -2.11
C LEU A 24 -22.04 -7.21 -2.17
N ILE A 25 -21.20 -6.38 -1.57
CA ILE A 25 -19.76 -6.62 -1.55
C ILE A 25 -19.39 -7.96 -0.93
N ALA A 26 -20.01 -8.30 0.18
CA ALA A 26 -19.73 -9.55 0.88
C ALA A 26 -20.00 -10.76 0.00
N PHE A 27 -21.13 -10.73 -0.69
CA PHE A 27 -21.48 -11.84 -1.55
C PHE A 27 -20.62 -11.88 -2.81
N ALA A 28 -20.31 -10.70 -3.37
CA ALA A 28 -19.47 -10.64 -4.55
C ALA A 28 -18.09 -11.26 -4.26
N GLN A 29 -17.58 -11.09 -3.03
CA GLN A 29 -16.28 -11.64 -2.66
C GLN A 29 -16.30 -13.17 -2.49
N TYR A 30 -17.46 -13.78 -2.31
CA TYR A 30 -17.51 -15.24 -2.22
C TYR A 30 -17.94 -15.85 -3.56
N LEU A 31 -19.02 -15.34 -4.14
CA LEU A 31 -19.51 -15.86 -5.40
C LEU A 31 -19.02 -14.96 -6.51
N GLN A 32 -17.70 -15.01 -6.73
CA GLN A 32 -16.98 -14.20 -7.70
C GLN A 32 -17.33 -14.41 -9.15
N GLN A 33 -18.01 -15.52 -9.44
CA GLN A 33 -18.38 -15.80 -10.82
C GLN A 33 -19.87 -15.66 -11.13
N CYS A 34 -20.69 -15.36 -10.12
CA CYS A 34 -22.11 -15.20 -10.37
C CYS A 34 -22.43 -13.87 -11.02
N PRO A 35 -23.51 -13.81 -11.79
CA PRO A 35 -23.95 -12.59 -12.48
C PRO A 35 -24.39 -11.46 -11.55
N PHE A 36 -24.33 -10.24 -12.07
CA PHE A 36 -24.71 -9.10 -11.28
C PHE A 36 -26.17 -9.16 -10.86
N GLU A 37 -27.04 -9.45 -11.81
CA GLU A 37 -28.47 -9.54 -11.54
C GLU A 37 -28.76 -10.62 -10.51
N ASP A 38 -27.94 -11.66 -10.47
CA ASP A 38 -28.14 -12.71 -9.48
C ASP A 38 -27.91 -12.15 -8.06
N HIS A 39 -26.77 -11.48 -7.86
CA HIS A 39 -26.45 -10.90 -6.55
C HIS A 39 -27.48 -9.86 -6.09
N VAL A 40 -27.95 -9.05 -7.03
CA VAL A 40 -28.96 -8.03 -6.70
C VAL A 40 -30.20 -8.71 -6.15
N LYS A 41 -30.56 -9.85 -6.73
CA LYS A 41 -31.72 -10.60 -6.27
C LYS A 41 -31.46 -10.97 -4.81
N LEU A 42 -30.27 -11.52 -4.58
CA LEU A 42 -29.79 -11.94 -3.26
C LEU A 42 -29.88 -10.79 -2.24
N VAL A 43 -29.25 -9.67 -2.56
CA VAL A 43 -29.24 -8.50 -1.69
C VAL A 43 -30.67 -8.14 -1.27
N ASN A 44 -31.57 -8.04 -2.26
CA ASN A 44 -32.95 -7.67 -1.99
C ASN A 44 -33.63 -8.65 -1.06
N GLU A 45 -33.37 -9.93 -1.29
CA GLU A 45 -33.89 -11.00 -0.46
C GLU A 45 -33.40 -10.86 0.98
N VAL A 46 -32.09 -10.66 1.14
CA VAL A 46 -31.55 -10.54 2.48
C VAL A 46 -32.04 -9.26 3.12
N THR A 47 -32.08 -8.16 2.36
CA THR A 47 -32.54 -6.88 2.89
C THR A 47 -33.99 -6.97 3.37
N GLU A 48 -34.83 -7.62 2.57
CA GLU A 48 -36.23 -7.76 2.92
C GLU A 48 -36.34 -8.59 4.20
N PHE A 49 -35.51 -9.62 4.30
CA PHE A 49 -35.49 -10.48 5.48
C PHE A 49 -35.10 -9.66 6.69
N ALA A 50 -34.06 -8.83 6.52
CA ALA A 50 -33.58 -7.99 7.60
C ALA A 50 -34.65 -7.01 8.10
N LYS A 51 -35.54 -6.57 7.21
CA LYS A 51 -36.61 -5.63 7.58
C LYS A 51 -37.67 -6.38 8.38
N THR A 52 -37.77 -7.67 8.11
CA THR A 52 -38.70 -8.53 8.80
C THR A 52 -38.27 -8.59 10.26
N CYS A 53 -36.97 -8.71 10.48
CA CYS A 53 -36.41 -8.81 11.81
C CYS A 53 -36.45 -7.50 12.57
N VAL A 54 -36.35 -6.38 11.85
CA VAL A 54 -36.41 -5.06 12.46
C VAL A 54 -37.84 -4.83 12.96
N ALA A 55 -38.82 -5.44 12.30
CA ALA A 55 -40.22 -5.30 12.67
C ALA A 55 -40.60 -6.22 13.81
N ASP A 56 -40.00 -7.41 13.84
CA ASP A 56 -40.24 -8.40 14.89
C ASP A 56 -38.98 -9.23 15.14
N GLU A 57 -38.31 -8.95 16.25
CA GLU A 57 -37.07 -9.64 16.63
C GLU A 57 -37.28 -11.13 16.81
N SER A 58 -38.53 -11.50 17.11
CA SER A 58 -38.85 -12.89 17.33
C SER A 58 -39.19 -13.59 16.02
N ALA A 59 -39.19 -12.83 14.92
CA ALA A 59 -39.47 -13.37 13.59
C ALA A 59 -38.59 -14.59 13.32
N GLU A 60 -39.00 -15.44 12.39
CA GLU A 60 -38.28 -16.66 12.07
C GLU A 60 -36.86 -16.43 11.57
N ASN A 61 -35.94 -17.27 12.05
CA ASN A 61 -34.54 -17.19 11.64
C ASN A 61 -33.83 -15.94 12.11
N CYS A 62 -34.59 -14.95 12.55
CA CYS A 62 -34.02 -13.70 13.01
C CYS A 62 -33.08 -13.89 14.19
N ASP A 63 -33.20 -15.04 14.85
CA ASP A 63 -32.36 -15.34 16.00
C ASP A 63 -30.98 -15.85 15.58
N LYS A 64 -30.91 -16.43 14.39
CA LYS A 64 -29.67 -16.98 13.87
C LYS A 64 -28.52 -15.98 13.77
N SER A 65 -27.30 -16.49 13.94
CA SER A 65 -26.09 -15.66 13.87
C SER A 65 -25.83 -15.23 12.44
N LEU A 66 -25.07 -14.15 12.29
CA LEU A 66 -24.75 -13.62 10.97
C LEU A 66 -24.04 -14.63 10.06
N HIS A 67 -23.04 -15.34 10.59
CA HIS A 67 -22.33 -16.33 9.79
C HIS A 67 -23.29 -17.39 9.28
N THR A 68 -24.11 -17.92 10.18
CA THR A 68 -25.06 -18.95 9.81
C THR A 68 -26.03 -18.45 8.76
N LEU A 69 -26.61 -17.28 8.99
CA LEU A 69 -27.55 -16.72 8.03
C LEU A 69 -26.83 -16.55 6.69
N PHE A 70 -25.62 -15.99 6.75
CA PHE A 70 -24.83 -15.77 5.56
C PHE A 70 -24.50 -17.08 4.85
N GLY A 71 -24.07 -18.07 5.62
CA GLY A 71 -23.75 -19.37 5.07
C GLY A 71 -24.98 -20.01 4.46
N ASP A 72 -26.10 -19.94 5.15
CA ASP A 72 -27.32 -20.53 4.61
C ASP A 72 -27.64 -19.90 3.26
N LYS A 73 -27.52 -18.57 3.16
CA LYS A 73 -27.80 -17.90 1.89
C LYS A 73 -26.91 -18.37 0.72
N LEU A 74 -25.61 -18.50 0.96
CA LEU A 74 -24.70 -18.96 -0.09
C LEU A 74 -25.09 -20.34 -0.61
N CYS A 75 -25.39 -21.25 0.31
CA CYS A 75 -25.74 -22.61 -0.06
C CYS A 75 -27.06 -22.73 -0.80
N THR A 76 -27.81 -21.64 -0.77
CA THR A 76 -29.11 -21.56 -1.41
C THR A 76 -28.99 -21.29 -2.90
N VAL A 77 -27.77 -21.09 -3.39
CA VAL A 77 -27.56 -20.82 -4.80
C VAL A 77 -27.55 -22.08 -5.66
N ALA A 78 -28.47 -22.11 -6.62
CA ALA A 78 -28.67 -23.21 -7.55
C ALA A 78 -27.41 -23.74 -8.22
N THR A 79 -26.88 -22.98 -9.17
CA THR A 79 -25.69 -23.36 -9.92
C THR A 79 -24.49 -23.77 -9.08
N LEU A 80 -24.22 -23.02 -8.02
CA LEU A 80 -23.09 -23.25 -7.11
C LEU A 80 -22.11 -24.35 -7.48
N ARG A 81 -22.56 -25.60 -7.40
CA ARG A 81 -21.72 -26.74 -7.73
C ARG A 81 -21.32 -26.74 -9.20
N GLU A 82 -22.30 -26.53 -10.07
CA GLU A 82 -22.04 -26.49 -11.49
C GLU A 82 -20.96 -25.42 -11.75
N THR A 83 -21.11 -24.26 -11.10
CA THR A 83 -20.18 -23.15 -11.28
C THR A 83 -18.86 -23.24 -10.51
N TYR A 84 -18.97 -23.43 -9.19
CA TYR A 84 -17.80 -23.50 -8.31
C TYR A 84 -17.34 -24.91 -7.95
N GLY A 85 -18.21 -25.89 -8.14
CA GLY A 85 -17.86 -27.27 -7.85
C GLY A 85 -17.47 -27.61 -6.42
N GLU A 86 -16.17 -27.62 -6.18
CA GLU A 86 -15.60 -27.92 -4.86
C GLU A 86 -16.28 -27.15 -3.73
N MET A 87 -16.33 -25.84 -3.88
CA MET A 87 -16.94 -24.96 -2.89
C MET A 87 -18.31 -25.45 -2.45
N ALA A 88 -19.06 -26.03 -3.38
CA ALA A 88 -20.41 -26.52 -3.08
C ALA A 88 -20.39 -27.63 -2.02
N ASP A 89 -19.28 -28.34 -1.91
CA ASP A 89 -19.19 -29.39 -0.90
C ASP A 89 -19.10 -28.81 0.50
N CYS A 90 -18.98 -27.49 0.60
CA CYS A 90 -18.89 -26.86 1.92
C CYS A 90 -20.26 -26.84 2.59
N CYS A 91 -21.29 -26.83 1.76
CA CYS A 91 -22.67 -26.80 2.21
C CYS A 91 -23.09 -28.06 2.94
N ALA A 92 -22.23 -29.07 2.93
CA ALA A 92 -22.53 -30.33 3.60
C ALA A 92 -22.05 -30.36 5.06
N LYS A 93 -21.35 -29.31 5.48
CA LYS A 93 -20.80 -29.23 6.83
C LYS A 93 -21.58 -28.39 7.83
N GLN A 94 -21.29 -28.59 9.12
CA GLN A 94 -21.95 -27.83 10.18
C GLN A 94 -21.33 -26.44 10.20
N GLU A 95 -21.62 -25.63 11.22
CA GLU A 95 -21.11 -24.27 11.19
C GLU A 95 -19.63 -23.93 11.23
N PRO A 96 -19.00 -23.98 12.42
CA PRO A 96 -17.58 -23.62 12.35
C PRO A 96 -16.90 -24.09 11.06
N GLU A 97 -17.10 -25.36 10.74
CA GLU A 97 -16.52 -25.95 9.54
C GLU A 97 -16.97 -25.28 8.23
N ARG A 98 -18.27 -25.29 7.96
CA ARG A 98 -18.79 -24.69 6.74
C ARG A 98 -18.20 -23.34 6.39
N ASN A 99 -18.20 -22.43 7.35
CA ASN A 99 -17.68 -21.09 7.11
C ASN A 99 -16.19 -21.09 6.79
N GLU A 100 -15.43 -21.91 7.51
CA GLU A 100 -13.99 -22.03 7.33
C GLU A 100 -13.71 -22.61 5.95
N CYS A 101 -14.59 -23.51 5.54
CA CYS A 101 -14.52 -24.16 4.24
C CYS A 101 -14.74 -23.14 3.13
N PHE A 102 -15.59 -22.14 3.36
CA PHE A 102 -15.78 -21.11 2.34
C PHE A 102 -14.58 -20.19 2.26
N LEU A 103 -14.02 -19.83 3.40
CA LEU A 103 -12.85 -18.95 3.40
C LEU A 103 -11.72 -19.58 2.58
N GLN A 104 -11.53 -20.89 2.70
CA GLN A 104 -10.46 -21.60 1.95
C GLN A 104 -10.61 -21.55 0.43
N HIS A 105 -11.85 -21.46 -0.05
CA HIS A 105 -12.12 -21.42 -1.48
C HIS A 105 -12.25 -20.02 -2.03
N LYS A 106 -12.05 -19.05 -1.17
CA LYS A 106 -12.10 -17.68 -1.62
C LYS A 106 -10.91 -17.45 -2.53
N ASP A 107 -11.11 -17.58 -3.83
CA ASP A 107 -9.96 -17.40 -4.71
C ASP A 107 -9.39 -15.95 -4.82
N ASP A 108 -8.10 -15.81 -4.50
CA ASP A 108 -7.42 -14.52 -4.57
C ASP A 108 -6.73 -14.63 -5.90
N ASN A 109 -6.73 -13.53 -6.66
CA ASN A 109 -6.09 -13.51 -7.97
C ASN A 109 -6.92 -14.34 -8.97
N PRO A 110 -8.20 -13.98 -9.18
CA PRO A 110 -9.09 -14.70 -10.09
C PRO A 110 -8.64 -14.74 -11.56
N ASN A 111 -9.57 -15.07 -12.44
CA ASN A 111 -9.28 -15.16 -13.88
C ASN A 111 -10.27 -14.27 -14.62
N LEU A 112 -10.44 -13.06 -14.10
CA LEU A 112 -11.38 -12.11 -14.68
C LEU A 112 -10.68 -11.11 -15.57
N PRO A 113 -11.39 -10.60 -16.56
CA PRO A 113 -10.86 -9.62 -17.51
C PRO A 113 -10.55 -8.33 -16.77
N ARG A 114 -9.63 -7.53 -17.30
CA ARG A 114 -9.30 -6.26 -16.66
C ARG A 114 -10.49 -5.34 -16.89
N LEU A 115 -10.79 -4.47 -15.93
CA LEU A 115 -11.90 -3.56 -16.13
C LEU A 115 -11.41 -2.38 -16.93
N VAL A 116 -12.06 -2.13 -18.06
CA VAL A 116 -11.68 -1.02 -18.92
C VAL A 116 -12.49 0.25 -18.62
N ARG A 117 -11.79 1.34 -18.37
CA ARG A 117 -12.44 2.62 -18.08
C ARG A 117 -13.13 3.16 -19.34
N PRO A 118 -14.45 3.38 -19.27
CA PRO A 118 -15.23 3.90 -20.40
C PRO A 118 -14.93 5.38 -20.65
N GLU A 119 -15.51 5.93 -21.70
CA GLU A 119 -15.33 7.33 -22.02
C GLU A 119 -16.06 8.16 -20.97
N VAL A 120 -15.43 9.26 -20.56
CA VAL A 120 -16.00 10.15 -19.57
C VAL A 120 -17.49 10.40 -19.83
N ASP A 121 -17.84 10.63 -21.09
CA ASP A 121 -19.22 10.89 -21.52
C ASP A 121 -20.20 9.72 -21.35
N VAL A 122 -19.81 8.53 -21.76
CA VAL A 122 -20.69 7.37 -21.61
C VAL A 122 -20.87 7.14 -20.12
N MET A 123 -19.76 7.22 -19.41
CA MET A 123 -19.71 7.03 -17.97
C MET A 123 -20.67 8.00 -17.30
N CYS A 124 -20.47 9.30 -17.55
CA CYS A 124 -21.34 10.34 -16.98
C CYS A 124 -22.81 10.18 -17.37
N THR A 125 -23.06 9.72 -18.59
CA THR A 125 -24.43 9.53 -19.05
C THR A 125 -25.07 8.35 -18.36
N ALA A 126 -24.30 7.30 -18.11
CA ALA A 126 -24.81 6.13 -17.42
C ALA A 126 -25.07 6.54 -15.98
N PHE A 127 -24.23 7.44 -15.48
CA PHE A 127 -24.34 7.96 -14.12
C PHE A 127 -25.62 8.76 -13.90
N HIS A 128 -26.03 9.53 -14.92
CA HIS A 128 -27.25 10.33 -14.81
C HIS A 128 -28.48 9.41 -14.87
N ASP A 129 -28.40 8.34 -15.66
CA ASP A 129 -29.48 7.37 -15.75
C ASP A 129 -29.36 6.64 -14.40
N ASN A 130 -29.85 5.40 -14.30
CA ASN A 130 -29.74 4.68 -13.03
C ASN A 130 -28.34 4.85 -12.41
N GLU A 131 -28.18 5.87 -11.60
CA GLU A 131 -26.90 6.12 -10.97
C GLU A 131 -26.62 5.04 -9.93
N GLU A 132 -27.68 4.48 -9.36
CA GLU A 132 -27.50 3.45 -8.35
C GLU A 132 -26.98 2.15 -8.97
N THR A 133 -27.61 1.70 -10.05
CA THR A 133 -27.17 0.47 -10.68
C THR A 133 -25.84 0.67 -11.38
N PHE A 134 -25.48 1.93 -11.60
CA PHE A 134 -24.20 2.26 -12.23
C PHE A 134 -23.08 2.09 -11.22
N LEU A 135 -23.34 2.51 -9.98
CA LEU A 135 -22.36 2.41 -8.90
C LEU A 135 -22.30 1.00 -8.31
N LYS A 136 -23.42 0.27 -8.34
CA LYS A 136 -23.47 -1.06 -7.77
C LYS A 136 -22.79 -2.07 -8.67
N LYS A 137 -22.95 -1.88 -9.98
CA LYS A 137 -22.33 -2.78 -10.93
C LYS A 137 -20.84 -2.71 -10.74
N TYR A 138 -20.30 -1.50 -10.69
CA TYR A 138 -18.87 -1.32 -10.51
C TYR A 138 -18.40 -1.78 -9.15
N LEU A 139 -19.23 -1.54 -8.13
CA LEU A 139 -18.90 -1.94 -6.78
C LEU A 139 -18.75 -3.47 -6.84
N TYR A 140 -19.69 -4.12 -7.51
CA TYR A 140 -19.69 -5.57 -7.70
C TYR A 140 -18.44 -6.04 -8.45
N GLU A 141 -18.10 -5.34 -9.52
CA GLU A 141 -16.91 -5.66 -10.33
C GLU A 141 -15.61 -5.55 -9.56
N ILE A 142 -15.50 -4.53 -8.71
CA ILE A 142 -14.27 -4.37 -7.95
C ILE A 142 -14.19 -5.32 -6.75
N ALA A 143 -15.33 -5.60 -6.11
CA ALA A 143 -15.34 -6.50 -4.96
C ALA A 143 -15.02 -7.95 -5.36
N ARG A 144 -15.54 -8.42 -6.48
CA ARG A 144 -15.27 -9.80 -6.94
C ARG A 144 -13.81 -9.99 -7.35
N ARG A 145 -13.15 -8.90 -7.74
CA ARG A 145 -11.76 -8.97 -8.14
C ARG A 145 -10.83 -8.83 -6.93
N HIS A 146 -11.32 -8.23 -5.84
CA HIS A 146 -10.50 -8.07 -4.64
C HIS A 146 -11.22 -8.64 -3.43
N PRO A 147 -11.34 -9.97 -3.35
CA PRO A 147 -12.03 -10.64 -2.24
C PRO A 147 -11.48 -10.38 -0.87
N TYR A 148 -10.23 -9.93 -0.79
CA TYR A 148 -9.56 -9.67 0.49
C TYR A 148 -9.71 -8.24 0.98
N PHE A 149 -10.11 -7.33 0.09
CA PHE A 149 -10.24 -5.93 0.44
C PHE A 149 -11.32 -5.78 1.49
N TYR A 150 -11.00 -5.07 2.57
CA TYR A 150 -11.95 -4.84 3.65
C TYR A 150 -13.18 -4.12 3.09
N ALA A 151 -14.35 -4.73 3.25
CA ALA A 151 -15.58 -4.17 2.69
C ALA A 151 -15.94 -2.73 3.03
N PRO A 152 -15.96 -2.37 4.32
CA PRO A 152 -16.29 -0.98 4.65
C PRO A 152 -15.40 0.03 3.96
N GLU A 153 -14.12 -0.31 3.78
CA GLU A 153 -13.17 0.58 3.13
C GLU A 153 -13.52 0.73 1.67
N LEU A 154 -13.89 -0.38 1.06
CA LEU A 154 -14.27 -0.38 -0.34
C LEU A 154 -15.49 0.53 -0.49
N LEU A 155 -16.35 0.51 0.52
CA LEU A 155 -17.53 1.35 0.50
C LEU A 155 -17.13 2.84 0.65
N PHE A 156 -16.07 3.12 1.40
CA PHE A 156 -15.63 4.51 1.56
C PHE A 156 -15.08 5.08 0.25
N PHE A 157 -14.45 4.24 -0.54
CA PHE A 157 -13.91 4.66 -1.82
C PHE A 157 -15.03 4.93 -2.80
N ALA A 158 -16.08 4.11 -2.71
CA ALA A 158 -17.24 4.21 -3.58
C ALA A 158 -17.99 5.51 -3.41
N LYS A 159 -18.05 6.03 -2.19
CA LYS A 159 -18.73 7.29 -1.96
C LYS A 159 -17.90 8.44 -2.55
N ARG A 160 -16.57 8.30 -2.51
CA ARG A 160 -15.67 9.32 -3.07
C ARG A 160 -15.78 9.31 -4.60
N TYR A 161 -16.03 8.13 -5.19
CA TYR A 161 -16.20 8.04 -6.63
C TYR A 161 -17.52 8.74 -6.99
N LYS A 162 -18.56 8.45 -6.20
CA LYS A 162 -19.87 9.04 -6.42
C LYS A 162 -19.79 10.55 -6.35
N ALA A 163 -19.11 11.06 -5.32
CA ALA A 163 -18.97 12.50 -5.16
C ALA A 163 -18.22 13.15 -6.32
N ALA A 164 -17.35 12.37 -6.97
CA ALA A 164 -16.58 12.87 -8.10
C ALA A 164 -17.41 12.92 -9.38
N PHE A 165 -18.24 11.92 -9.61
CA PHE A 165 -19.07 11.95 -10.81
C PHE A 165 -20.07 13.09 -10.67
N THR A 166 -20.56 13.28 -9.45
CA THR A 166 -21.52 14.35 -9.18
C THR A 166 -20.98 15.74 -9.47
N GLU A 167 -19.76 15.99 -8.98
CA GLU A 167 -19.09 17.27 -9.15
C GLU A 167 -18.50 17.47 -10.53
N CYS A 168 -18.25 16.38 -11.23
CA CYS A 168 -17.64 16.49 -12.56
C CYS A 168 -18.55 16.38 -13.77
N CYS A 169 -19.57 15.54 -13.69
CA CYS A 169 -20.51 15.35 -14.81
C CYS A 169 -21.37 16.57 -15.12
N GLN A 170 -21.25 17.58 -14.26
CA GLN A 170 -22.02 18.81 -14.42
C GLN A 170 -21.15 20.00 -14.86
N ALA A 171 -19.83 19.79 -14.92
CA ALA A 171 -18.91 20.85 -15.33
C ALA A 171 -18.87 21.06 -16.85
N ALA A 172 -18.30 22.18 -17.28
CA ALA A 172 -18.19 22.49 -18.70
C ALA A 172 -17.37 21.41 -19.37
N ASP A 173 -16.13 21.27 -18.90
CA ASP A 173 -15.26 20.24 -19.40
C ASP A 173 -15.23 19.11 -18.36
N LYS A 174 -16.02 18.07 -18.63
CA LYS A 174 -16.13 16.94 -17.73
C LYS A 174 -14.83 16.15 -17.60
N ALA A 175 -14.27 15.74 -18.73
CA ALA A 175 -13.03 14.99 -18.74
C ALA A 175 -11.96 15.69 -17.92
N ALA A 176 -11.85 17.01 -18.10
CA ALA A 176 -10.86 17.81 -17.39
C ALA A 176 -11.00 17.73 -15.88
N CYS A 177 -12.23 17.57 -15.43
CA CYS A 177 -12.56 17.45 -14.00
C CYS A 177 -12.45 16.01 -13.53
N LEU A 178 -13.18 15.11 -14.18
CA LEU A 178 -13.21 13.70 -13.80
C LEU A 178 -11.91 12.90 -13.84
N LEU A 179 -11.33 12.73 -15.02
CA LEU A 179 -10.09 11.95 -15.16
C LEU A 179 -9.03 12.17 -14.07
N PRO A 180 -8.66 13.42 -13.81
CA PRO A 180 -7.64 13.71 -12.80
C PRO A 180 -7.96 13.10 -11.45
N LYS A 181 -9.22 13.15 -11.03
CA LYS A 181 -9.52 12.56 -9.74
C LYS A 181 -9.76 11.06 -9.85
N LEU A 182 -10.05 10.58 -11.05
CA LEU A 182 -10.21 9.14 -11.18
C LEU A 182 -8.80 8.55 -11.04
N ASP A 183 -7.78 9.31 -11.44
CA ASP A 183 -6.41 8.80 -11.31
C ASP A 183 -5.94 8.77 -9.86
N GLU A 184 -6.26 9.81 -9.09
CA GLU A 184 -5.89 9.87 -7.67
C GLU A 184 -6.51 8.69 -6.93
N LEU A 185 -7.81 8.46 -7.17
CA LEU A 185 -8.54 7.39 -6.53
C LEU A 185 -7.98 6.02 -6.88
N ARG A 186 -7.56 5.84 -8.12
CA ARG A 186 -7.00 4.54 -8.52
C ARG A 186 -5.71 4.30 -7.75
N ASP A 187 -4.80 5.27 -7.81
CA ASP A 187 -3.53 5.14 -7.11
C ASP A 187 -3.77 4.90 -5.63
N GLU A 188 -4.67 5.69 -5.06
CA GLU A 188 -4.99 5.56 -3.67
C GLU A 188 -5.52 4.15 -3.37
N GLY A 189 -6.44 3.67 -4.19
CA GLY A 189 -7.00 2.34 -3.99
C GLY A 189 -5.97 1.24 -4.10
N LYS A 190 -5.06 1.35 -5.07
CA LYS A 190 -4.02 0.35 -5.24
C LYS A 190 -3.05 0.32 -4.06
N ALA A 191 -2.74 1.50 -3.52
CA ALA A 191 -1.83 1.59 -2.38
C ALA A 191 -2.46 0.90 -1.18
N SER A 192 -3.71 1.24 -0.88
CA SER A 192 -4.44 0.63 0.23
C SER A 192 -4.47 -0.88 0.06
N SER A 193 -4.81 -1.32 -1.14
CA SER A 193 -4.85 -2.73 -1.45
C SER A 193 -3.49 -3.37 -1.17
N ALA A 194 -2.43 -2.75 -1.66
CA ALA A 194 -1.08 -3.27 -1.45
C ALA A 194 -0.66 -3.21 0.03
N LYS A 195 -0.98 -2.12 0.73
CA LYS A 195 -0.63 -2.01 2.12
C LYS A 195 -1.18 -3.19 2.89
N GLN A 196 -2.42 -3.51 2.58
CA GLN A 196 -3.15 -4.60 3.23
C GLN A 196 -2.49 -5.98 3.02
N ARG A 197 -2.08 -6.28 1.80
CA ARG A 197 -1.47 -7.56 1.54
C ARG A 197 -0.12 -7.56 2.18
N LEU A 198 0.51 -6.38 2.17
CA LEU A 198 1.81 -6.22 2.78
C LEU A 198 1.77 -6.54 4.27
N LYS A 199 0.85 -5.94 5.00
CA LYS A 199 0.74 -6.18 6.43
C LYS A 199 0.45 -7.66 6.74
N CYS A 200 -0.45 -8.27 5.97
CA CYS A 200 -0.75 -9.66 6.22
C CYS A 200 0.42 -10.58 5.89
N ALA A 201 1.12 -10.32 4.79
CA ALA A 201 2.26 -11.14 4.40
C ALA A 201 3.36 -11.05 5.46
N SER A 202 3.59 -9.83 5.93
CA SER A 202 4.60 -9.57 6.95
C SER A 202 4.26 -10.35 8.22
N LEU A 203 3.02 -10.24 8.66
CA LEU A 203 2.57 -10.95 9.85
C LEU A 203 2.94 -12.43 9.67
N GLN A 204 2.57 -12.97 8.51
CA GLN A 204 2.85 -14.37 8.19
C GLN A 204 4.34 -14.69 8.12
N LYS A 205 5.05 -14.02 7.23
CA LYS A 205 6.48 -14.26 7.05
C LYS A 205 7.38 -14.01 8.25
N PHE A 206 7.23 -12.87 8.93
CA PHE A 206 8.14 -12.57 10.04
C PHE A 206 7.73 -12.85 11.48
N GLY A 207 6.48 -13.18 11.74
CA GLY A 207 6.10 -13.49 13.11
C GLY A 207 5.44 -12.36 13.86
N GLU A 208 4.67 -12.73 14.88
CA GLU A 208 3.94 -11.77 15.70
C GLU A 208 4.85 -10.87 16.54
N ARG A 209 6.08 -11.32 16.79
CA ARG A 209 7.03 -10.54 17.57
C ARG A 209 7.42 -9.30 16.78
N ALA A 210 7.87 -9.52 15.55
CA ALA A 210 8.27 -8.43 14.66
C ALA A 210 7.08 -7.49 14.45
N PHE A 211 5.90 -8.06 14.24
CA PHE A 211 4.71 -7.25 14.05
C PHE A 211 4.45 -6.37 15.29
N LYS A 212 4.49 -6.98 16.48
CA LYS A 212 4.27 -6.25 17.73
C LYS A 212 5.28 -5.10 17.87
N ALA A 213 6.51 -5.31 17.42
CA ALA A 213 7.54 -4.30 17.48
C ALA A 213 7.16 -3.12 16.57
N TRP A 214 6.72 -3.45 15.36
CA TRP A 214 6.31 -2.46 14.40
C TRP A 214 5.13 -1.65 14.95
N ALA A 215 4.19 -2.35 15.57
CA ALA A 215 3.00 -1.72 16.12
C ALA A 215 3.28 -0.79 17.30
N VAL A 216 4.23 -1.17 18.15
CA VAL A 216 4.58 -0.35 19.30
C VAL A 216 5.14 0.97 18.82
N ALA A 217 6.10 0.91 17.90
CA ALA A 217 6.72 2.10 17.36
C ALA A 217 5.64 2.97 16.73
N ARG A 218 4.87 2.38 15.82
CA ARG A 218 3.81 3.11 15.13
C ARG A 218 2.81 3.75 16.06
N LEU A 219 2.34 3.00 17.04
CA LEU A 219 1.35 3.54 17.98
C LEU A 219 1.94 4.63 18.85
N SER A 220 3.19 4.45 19.29
CA SER A 220 3.80 5.46 20.14
C SER A 220 3.99 6.81 19.43
N GLN A 221 4.28 6.81 18.14
CA GLN A 221 4.45 8.06 17.41
C GLN A 221 3.12 8.81 17.38
N ARG A 222 2.03 8.08 17.15
CA ARG A 222 0.68 8.64 17.06
C ARG A 222 0.12 9.11 18.38
N PHE A 223 0.34 8.31 19.41
CA PHE A 223 -0.19 8.58 20.75
C PHE A 223 0.95 8.81 21.74
N PRO A 224 1.79 9.82 21.50
CA PRO A 224 2.91 10.08 22.42
C PRO A 224 2.52 10.33 23.88
N LYS A 225 1.26 10.71 24.11
CA LYS A 225 0.81 10.97 25.48
C LYS A 225 0.42 9.70 26.20
N ALA A 226 -0.04 8.70 25.47
CA ALA A 226 -0.45 7.45 26.08
C ALA A 226 0.69 6.83 26.87
N GLU A 227 0.36 6.10 27.94
CA GLU A 227 1.36 5.44 28.75
C GLU A 227 1.72 4.10 28.11
N PHE A 228 2.87 3.56 28.47
CA PHE A 228 3.30 2.29 27.90
C PHE A 228 2.33 1.15 28.12
N ALA A 229 1.66 1.14 29.28
CA ALA A 229 0.72 0.07 29.59
C ALA A 229 -0.44 0.14 28.61
N GLU A 230 -0.85 1.36 28.30
CA GLU A 230 -1.94 1.62 27.37
C GLU A 230 -1.57 1.17 25.95
N VAL A 231 -0.36 1.49 25.55
CA VAL A 231 0.16 1.14 24.24
C VAL A 231 0.31 -0.37 24.06
N SER A 232 0.70 -1.07 25.13
CA SER A 232 0.89 -2.52 25.04
C SER A 232 -0.48 -3.17 24.92
N LYS A 233 -1.45 -2.55 25.57
CA LYS A 233 -2.81 -3.05 25.52
C LYS A 233 -3.25 -3.02 24.06
N LEU A 234 -3.15 -1.83 23.46
CA LEU A 234 -3.53 -1.61 22.07
C LEU A 234 -2.75 -2.47 21.07
N VAL A 235 -1.46 -2.65 21.28
CA VAL A 235 -0.64 -3.47 20.39
C VAL A 235 -1.22 -4.89 20.40
N THR A 236 -1.51 -5.37 21.60
CA THR A 236 -2.07 -6.71 21.75
C THR A 236 -3.38 -6.85 20.95
N ASP A 237 -4.35 -5.99 21.24
CA ASP A 237 -5.62 -6.06 20.51
C ASP A 237 -5.44 -5.85 19.02
N LEU A 238 -4.60 -4.89 18.65
CA LEU A 238 -4.34 -4.60 17.25
C LEU A 238 -3.77 -5.84 16.57
N THR A 239 -3.00 -6.62 17.31
CA THR A 239 -2.41 -7.83 16.75
C THR A 239 -3.44 -8.91 16.53
N LYS A 240 -4.46 -8.95 17.37
CA LYS A 240 -5.53 -9.94 17.24
C LYS A 240 -6.43 -9.55 16.07
N VAL A 241 -6.59 -8.26 15.89
CA VAL A 241 -7.40 -7.74 14.81
C VAL A 241 -6.75 -8.08 13.47
N HIS A 242 -5.45 -7.85 13.34
CA HIS A 242 -4.78 -8.14 12.08
C HIS A 242 -4.81 -9.61 11.72
N THR A 243 -4.68 -10.48 12.72
CA THR A 243 -4.72 -11.92 12.49
C THR A 243 -6.07 -12.36 11.90
N GLU A 244 -7.17 -12.01 12.54
CA GLU A 244 -8.47 -12.41 12.00
C GLU A 244 -8.76 -11.68 10.70
N CYS A 245 -8.47 -10.39 10.61
CA CYS A 245 -8.73 -9.68 9.36
C CYS A 245 -7.90 -10.25 8.21
N CYS A 246 -6.73 -10.80 8.51
CA CYS A 246 -5.90 -11.38 7.46
C CYS A 246 -6.44 -12.73 7.04
N HIS A 247 -7.04 -13.41 8.01
CA HIS A 247 -7.64 -14.72 7.78
C HIS A 247 -8.74 -14.61 6.70
N GLY A 248 -9.30 -13.41 6.53
CA GLY A 248 -10.33 -13.19 5.52
C GLY A 248 -11.79 -13.16 5.96
N ASP A 249 -12.06 -13.59 7.19
CA ASP A 249 -13.42 -13.61 7.73
C ASP A 249 -13.95 -12.20 8.00
N LEU A 250 -14.63 -11.61 7.02
CA LEU A 250 -15.18 -10.26 7.14
C LEU A 250 -15.93 -9.98 8.43
N LEU A 251 -16.89 -10.83 8.76
CA LEU A 251 -17.70 -10.62 9.96
C LEU A 251 -16.87 -10.54 11.25
N GLU A 252 -15.94 -11.47 11.44
CA GLU A 252 -15.12 -11.44 12.65
C GLU A 252 -14.25 -10.19 12.65
N CYS A 253 -13.65 -9.92 11.49
CA CYS A 253 -12.79 -8.76 11.32
C CYS A 253 -13.51 -7.47 11.70
N ALA A 254 -14.73 -7.28 11.18
CA ALA A 254 -15.48 -6.07 11.48
C ALA A 254 -15.82 -5.94 12.96
N ASP A 255 -16.19 -7.06 13.59
CA ASP A 255 -16.50 -6.99 15.02
C ASP A 255 -15.28 -6.61 15.81
N ASP A 256 -14.15 -7.25 15.51
CA ASP A 256 -12.97 -6.90 16.25
C ASP A 256 -12.60 -5.42 16.03
N ARG A 257 -12.71 -4.91 14.81
CA ARG A 257 -12.39 -3.51 14.55
C ARG A 257 -13.33 -2.57 15.32
N ALA A 258 -14.64 -2.85 15.30
CA ALA A 258 -15.59 -2.01 16.00
C ALA A 258 -15.28 -2.00 17.50
N ASP A 259 -15.06 -3.19 18.07
CA ASP A 259 -14.75 -3.30 19.48
C ASP A 259 -13.53 -2.44 19.85
N LEU A 260 -12.49 -2.47 19.01
CA LEU A 260 -11.28 -1.70 19.27
C LEU A 260 -11.49 -0.18 19.21
N ALA A 261 -12.15 0.28 18.17
CA ALA A 261 -12.39 1.71 18.04
C ALA A 261 -13.26 2.20 19.21
N LYS A 262 -14.21 1.37 19.63
CA LYS A 262 -15.08 1.72 20.75
C LYS A 262 -14.22 1.90 21.99
N TYR A 263 -13.34 0.92 22.22
CA TYR A 263 -12.44 0.98 23.37
C TYR A 263 -11.65 2.28 23.35
N ILE A 264 -10.95 2.50 22.25
CA ILE A 264 -10.15 3.69 22.10
C ILE A 264 -10.95 4.98 22.35
N CYS A 265 -12.19 5.03 21.87
CA CYS A 265 -13.03 6.21 22.06
C CYS A 265 -13.45 6.43 23.50
N GLU A 266 -13.70 5.34 24.21
CA GLU A 266 -14.09 5.41 25.60
C GLU A 266 -12.94 5.89 26.49
N ASN A 267 -11.70 5.60 26.08
CA ASN A 267 -10.53 6.03 26.85
C ASN A 267 -9.81 7.09 26.08
N GLN A 268 -10.58 7.82 25.29
CA GLN A 268 -10.06 8.90 24.46
C GLN A 268 -9.01 9.76 25.18
N ASP A 269 -9.43 10.44 26.24
CA ASP A 269 -8.52 11.32 26.98
C ASP A 269 -7.28 10.62 27.55
N SER A 270 -7.28 9.30 27.55
CA SER A 270 -6.14 8.56 28.08
C SER A 270 -5.23 8.08 26.95
N ILE A 271 -5.56 8.48 25.72
CA ILE A 271 -4.79 8.05 24.57
C ILE A 271 -4.28 9.16 23.66
N SER A 272 -5.16 10.07 23.31
CA SER A 272 -4.79 11.18 22.43
C SER A 272 -5.88 12.22 22.36
N SER A 273 -5.49 13.46 22.14
CA SER A 273 -6.43 14.57 22.07
C SER A 273 -6.93 14.79 20.65
N LYS A 274 -6.32 14.13 19.67
CA LYS A 274 -6.75 14.34 18.30
C LYS A 274 -7.78 13.32 17.80
N LEU A 275 -8.51 12.72 18.73
CA LEU A 275 -9.51 11.68 18.43
C LEU A 275 -10.98 12.11 18.48
N LYS A 276 -11.23 13.32 18.97
CA LYS A 276 -12.60 13.81 19.11
C LYS A 276 -13.49 13.65 17.87
N GLU A 277 -12.98 14.11 16.73
CA GLU A 277 -13.70 14.05 15.47
C GLU A 277 -14.15 12.62 15.12
N CYS A 278 -13.18 11.73 15.09
CA CYS A 278 -13.40 10.32 14.74
C CYS A 278 -14.34 9.57 15.68
N CYS A 279 -14.30 9.93 16.96
CA CYS A 279 -15.14 9.25 17.92
C CYS A 279 -16.59 9.74 17.89
N GLU A 280 -16.83 10.73 17.04
CA GLU A 280 -18.17 11.32 16.88
C GLU A 280 -18.84 10.71 15.64
N LYS A 281 -18.05 10.12 14.76
CA LYS A 281 -18.58 9.53 13.54
C LYS A 281 -19.37 8.25 13.80
N PRO A 282 -20.18 7.82 12.82
CA PRO A 282 -21.00 6.60 12.94
C PRO A 282 -20.15 5.35 12.91
N LEU A 283 -20.69 4.29 13.48
CA LEU A 283 -20.05 2.98 13.56
C LEU A 283 -19.21 2.59 12.36
N LEU A 284 -19.79 2.79 11.18
CA LEU A 284 -19.15 2.43 9.94
C LEU A 284 -17.79 3.04 9.66
N GLU A 285 -17.60 4.30 10.05
CA GLU A 285 -16.33 4.94 9.76
C GLU A 285 -15.38 5.24 10.93
N LYS A 286 -15.74 4.82 12.13
CA LYS A 286 -14.91 5.08 13.30
C LYS A 286 -13.48 4.57 13.24
N SER A 287 -13.32 3.25 13.14
CA SER A 287 -12.00 2.66 13.11
C SER A 287 -11.17 3.18 11.94
N HIS A 288 -11.80 3.35 10.79
CA HIS A 288 -11.13 3.83 9.59
C HIS A 288 -10.57 5.23 9.80
N CYS A 289 -11.35 6.03 10.51
CA CYS A 289 -11.01 7.39 10.86
C CYS A 289 -9.83 7.40 11.81
N ILE A 290 -9.95 6.60 12.87
CA ILE A 290 -8.90 6.50 13.89
C ILE A 290 -7.55 6.06 13.26
N ALA A 291 -7.60 5.05 12.41
CA ALA A 291 -6.38 4.54 11.75
C ALA A 291 -5.68 5.60 10.89
N GLU A 292 -6.40 6.65 10.54
CA GLU A 292 -5.86 7.73 9.70
C GLU A 292 -5.55 8.99 10.51
N VAL A 293 -5.89 8.96 11.79
CA VAL A 293 -5.68 10.12 12.66
C VAL A 293 -4.25 10.63 12.68
N GLU A 294 -4.12 11.94 12.89
CA GLU A 294 -2.84 12.63 12.95
C GLU A 294 -2.13 12.42 14.28
N ASN A 295 -0.81 12.58 14.27
CA ASN A 295 -0.03 12.44 15.50
C ASN A 295 -0.47 13.46 16.54
N ASP A 296 -0.55 13.03 17.79
CA ASP A 296 -0.91 13.95 18.84
C ASP A 296 0.39 14.67 19.17
N GLU A 297 0.34 15.74 19.94
CA GLU A 297 1.57 16.46 20.30
C GLU A 297 2.23 15.78 21.50
N MET A 298 3.55 15.79 21.57
CA MET A 298 4.27 15.15 22.68
C MET A 298 4.29 16.03 23.92
N PRO A 299 4.19 15.42 25.11
CA PRO A 299 4.17 16.11 26.41
C PRO A 299 5.02 17.37 26.62
N ALA A 300 6.22 17.39 26.07
CA ALA A 300 7.15 18.53 26.22
C ALA A 300 7.87 18.45 27.55
N ASP A 301 7.31 17.67 28.46
CA ASP A 301 7.84 17.47 29.80
C ASP A 301 8.50 16.08 29.89
N LEU A 302 9.27 15.72 28.86
CA LEU A 302 9.91 14.40 28.82
C LEU A 302 11.40 14.36 29.19
N PRO A 303 11.78 13.39 30.03
CA PRO A 303 13.18 13.24 30.46
C PRO A 303 14.10 12.93 29.29
N SER A 304 15.22 12.26 29.56
CA SER A 304 16.14 11.92 28.51
C SER A 304 16.29 10.41 28.40
N LEU A 305 16.47 9.93 27.18
CA LEU A 305 16.63 8.52 26.92
C LEU A 305 17.91 8.00 27.55
N ALA A 306 18.94 8.85 27.60
CA ALA A 306 20.23 8.47 28.19
C ALA A 306 20.06 8.09 29.65
N ALA A 307 19.14 8.76 30.32
CA ALA A 307 18.87 8.50 31.73
C ALA A 307 18.53 7.06 32.05
N ASP A 308 17.35 6.60 31.60
CA ASP A 308 16.92 5.22 31.87
C ASP A 308 17.55 4.12 31.02
N PHE A 309 18.13 4.45 29.87
CA PHE A 309 18.68 3.37 29.06
C PHE A 309 20.18 3.29 28.86
N VAL A 310 20.90 4.37 29.15
CA VAL A 310 22.34 4.33 28.94
C VAL A 310 23.18 4.57 30.20
N GLU A 311 22.73 5.49 31.04
CA GLU A 311 23.49 5.82 32.23
C GLU A 311 23.16 5.02 33.48
N SER A 312 21.87 4.91 33.77
CA SER A 312 21.44 4.18 34.95
C SER A 312 21.85 2.72 34.98
N LYS A 313 22.68 2.36 35.97
CA LYS A 313 23.06 0.96 36.15
C LYS A 313 21.68 0.50 36.58
N ASP A 314 21.43 -0.81 36.54
CA ASP A 314 20.11 -1.35 36.89
C ASP A 314 19.51 -1.73 35.53
N VAL A 315 20.23 -1.39 34.47
CA VAL A 315 19.77 -1.65 33.10
C VAL A 315 19.73 -3.13 32.73
N CYS A 316 20.86 -3.82 32.84
CA CYS A 316 20.90 -5.24 32.53
C CYS A 316 19.96 -6.01 33.45
N LYS A 317 19.81 -5.51 34.66
CA LYS A 317 18.93 -6.15 35.62
C LYS A 317 17.50 -6.04 35.13
N ASN A 318 17.13 -4.84 34.71
CA ASN A 318 15.81 -4.54 34.21
C ASN A 318 15.57 -5.21 32.88
N TYR A 319 16.66 -5.46 32.16
CA TYR A 319 16.57 -6.09 30.86
C TYR A 319 16.41 -7.59 30.94
N ALA A 320 17.23 -8.22 31.78
CA ALA A 320 17.19 -9.68 31.94
C ALA A 320 15.85 -10.11 32.53
N GLU A 321 15.24 -9.20 33.29
CA GLU A 321 13.97 -9.50 33.93
C GLU A 321 12.80 -9.75 32.94
N ALA A 322 12.81 -9.06 31.81
CA ALA A 322 11.79 -9.19 30.75
C ALA A 322 12.32 -8.49 29.49
N LYS A 323 13.19 -9.17 28.76
CA LYS A 323 13.81 -8.60 27.58
C LYS A 323 12.89 -7.86 26.60
N ASP A 324 11.92 -8.56 26.03
CA ASP A 324 10.99 -7.96 25.09
C ASP A 324 10.26 -6.76 25.67
N VAL A 325 9.82 -6.88 26.92
CA VAL A 325 9.12 -5.75 27.53
C VAL A 325 10.05 -4.55 27.68
N PHE A 326 11.28 -4.78 28.14
CA PHE A 326 12.23 -3.69 28.31
C PHE A 326 12.46 -3.05 26.93
N LEU A 327 12.82 -3.88 25.96
CA LEU A 327 13.03 -3.43 24.60
C LEU A 327 11.81 -2.66 24.06
N GLY A 328 10.62 -3.14 24.38
CA GLY A 328 9.41 -2.48 23.93
C GLY A 328 9.33 -1.10 24.55
N MET A 329 9.81 -0.98 25.78
CA MET A 329 9.82 0.29 26.52
C MET A 329 10.76 1.26 25.79
N PHE A 330 11.91 0.75 25.37
CA PHE A 330 12.89 1.52 24.64
C PHE A 330 12.27 2.12 23.37
N LEU A 331 11.58 1.28 22.60
CA LEU A 331 10.92 1.70 21.37
C LEU A 331 9.85 2.76 21.65
N TYR A 332 9.00 2.46 22.62
CA TYR A 332 7.94 3.37 23.00
C TYR A 332 8.55 4.73 23.27
N GLU A 333 9.54 4.75 24.16
CA GLU A 333 10.26 5.96 24.54
C GLU A 333 10.94 6.67 23.36
N TYR A 334 11.58 5.89 22.52
CA TYR A 334 12.28 6.47 21.39
C TYR A 334 11.28 6.97 20.33
N ALA A 335 10.25 6.16 20.07
CA ALA A 335 9.27 6.51 19.07
C ALA A 335 8.40 7.73 19.38
N ARG A 336 7.94 7.85 20.62
CA ARG A 336 7.09 9.00 20.92
C ARG A 336 7.88 10.31 20.89
N ARG A 337 9.20 10.21 20.91
CA ARG A 337 10.05 11.39 20.87
C ARG A 337 10.45 11.67 19.45
N HIS A 338 10.18 10.71 18.57
CA HIS A 338 10.55 10.85 17.17
C HIS A 338 9.49 10.51 16.12
N PRO A 339 8.51 11.42 15.91
CA PRO A 339 7.43 11.24 14.92
C PRO A 339 8.05 11.41 13.54
N ASP A 340 9.22 12.04 13.53
CA ASP A 340 9.93 12.30 12.30
C ASP A 340 10.73 11.11 11.74
N TYR A 341 10.84 10.04 12.51
CA TYR A 341 11.55 8.85 12.03
C TYR A 341 10.57 7.87 11.39
N SER A 342 11.09 7.06 10.46
CA SER A 342 10.29 6.01 9.83
C SER A 342 10.25 4.92 10.91
N VAL A 343 9.25 4.05 10.87
CA VAL A 343 9.16 2.99 11.84
C VAL A 343 10.34 2.01 11.72
N VAL A 344 10.74 1.68 10.49
CA VAL A 344 11.85 0.74 10.33
C VAL A 344 13.15 1.29 10.93
N LEU A 345 13.35 2.61 10.87
CA LEU A 345 14.54 3.22 11.48
C LEU A 345 14.46 2.95 12.98
N LEU A 346 13.28 3.18 13.54
CA LEU A 346 13.07 2.96 14.97
C LEU A 346 13.40 1.53 15.36
N LEU A 347 13.01 0.58 14.50
CA LEU A 347 13.29 -0.83 14.76
C LEU A 347 14.78 -1.11 14.61
N ARG A 348 15.43 -0.49 13.64
CA ARG A 348 16.87 -0.73 13.49
C ARG A 348 17.62 -0.26 14.74
N LEU A 349 17.16 0.84 15.32
CA LEU A 349 17.80 1.36 16.53
C LEU A 349 17.56 0.39 17.67
N ALA A 350 16.36 -0.19 17.73
CA ALA A 350 16.01 -1.13 18.78
C ALA A 350 16.77 -2.45 18.63
N LYS A 351 16.97 -2.91 17.40
CA LYS A 351 17.70 -4.15 17.22
C LYS A 351 19.14 -3.90 17.62
N THR A 352 19.66 -2.72 17.25
CA THR A 352 21.04 -2.36 17.60
C THR A 352 21.23 -2.35 19.11
N TYR A 353 20.29 -1.69 19.79
CA TYR A 353 20.35 -1.61 21.25
C TYR A 353 20.28 -3.00 21.87
N GLU A 354 19.42 -3.86 21.34
CA GLU A 354 19.25 -5.23 21.84
C GLU A 354 20.57 -5.99 21.75
N THR A 355 21.18 -5.87 20.59
CA THR A 355 22.44 -6.49 20.26
C THR A 355 23.50 -6.09 21.30
N THR A 356 23.50 -4.81 21.64
CA THR A 356 24.44 -4.24 22.60
C THR A 356 24.20 -4.74 24.02
N LEU A 357 22.94 -4.74 24.44
CA LEU A 357 22.61 -5.21 25.78
C LEU A 357 22.97 -6.67 25.87
N GLU A 358 22.83 -7.37 24.75
CA GLU A 358 23.11 -8.79 24.70
C GLU A 358 24.60 -9.13 24.77
N LYS A 359 25.45 -8.15 24.46
CA LYS A 359 26.89 -8.34 24.50
C LYS A 359 27.47 -7.81 25.80
N CYS A 360 26.99 -6.63 26.17
CA CYS A 360 27.46 -5.95 27.36
C CYS A 360 27.03 -6.53 28.69
N CYS A 361 25.76 -6.88 28.80
CA CYS A 361 25.24 -7.42 30.04
C CYS A 361 25.92 -8.70 30.48
N ALA A 362 26.72 -9.29 29.60
CA ALA A 362 27.41 -10.53 29.93
C ALA A 362 28.90 -10.30 30.20
N ALA A 363 29.33 -9.04 30.15
CA ALA A 363 30.74 -8.71 30.36
C ALA A 363 31.02 -8.25 31.79
N ALA A 364 32.31 -8.12 32.08
CA ALA A 364 32.79 -7.71 33.40
C ALA A 364 32.22 -6.39 33.91
N ASP A 365 32.41 -5.32 33.15
CA ASP A 365 31.90 -4.02 33.55
C ASP A 365 30.88 -3.55 32.52
N PRO A 366 29.64 -4.04 32.63
CA PRO A 366 28.52 -3.73 31.72
C PRO A 366 28.40 -2.25 31.36
N HIS A 367 28.12 -1.42 32.37
CA HIS A 367 27.93 0.01 32.17
C HIS A 367 29.04 0.71 31.37
N GLU A 368 30.23 0.12 31.32
CA GLU A 368 31.34 0.73 30.59
C GLU A 368 31.43 0.21 29.17
N CYS A 369 30.55 -0.72 28.85
CA CYS A 369 30.52 -1.35 27.53
C CYS A 369 29.40 -0.77 26.68
N TYR A 370 28.32 -0.31 27.32
CA TYR A 370 27.18 0.26 26.62
C TYR A 370 26.96 1.73 26.96
N ALA A 371 27.99 2.38 27.50
CA ALA A 371 27.92 3.79 27.86
C ALA A 371 27.86 4.62 26.59
N LYS A 372 28.51 4.14 25.54
CA LYS A 372 28.54 4.84 24.27
C LYS A 372 27.70 4.18 23.18
N VAL A 373 26.47 3.79 23.51
CA VAL A 373 25.57 3.14 22.55
C VAL A 373 24.84 4.15 21.65
N PHE A 374 24.32 5.22 22.26
CA PHE A 374 23.64 6.24 21.48
C PHE A 374 24.60 6.77 20.41
N ASP A 375 25.88 6.46 20.57
CA ASP A 375 26.88 6.89 19.61
C ASP A 375 26.74 6.08 18.33
N GLU A 376 26.30 4.83 18.46
CA GLU A 376 26.12 3.95 17.31
C GLU A 376 24.82 4.17 16.56
N PHE A 377 23.95 5.00 17.11
CA PHE A 377 22.67 5.31 16.49
C PHE A 377 22.87 6.34 15.38
N LYS A 378 23.65 7.38 15.67
CA LYS A 378 23.91 8.48 14.74
C LYS A 378 23.96 8.13 13.24
N PRO A 379 24.79 7.15 12.86
CA PRO A 379 24.96 6.70 11.48
C PRO A 379 23.72 6.04 10.88
N LEU A 380 22.98 5.34 11.73
CA LEU A 380 21.76 4.67 11.29
C LEU A 380 20.72 5.72 10.93
N VAL A 381 20.68 6.77 11.73
CA VAL A 381 19.76 7.89 11.56
C VAL A 381 20.11 8.75 10.35
N GLU A 382 21.41 8.99 10.17
CA GLU A 382 21.91 9.83 9.09
C GLU A 382 21.75 9.23 7.72
N GLU A 383 21.82 7.90 7.68
CA GLU A 383 21.66 7.14 6.44
C GLU A 383 20.40 7.59 5.67
N PRO A 384 19.19 7.33 6.20
CA PRO A 384 17.98 7.75 5.46
C PRO A 384 17.80 9.24 5.29
N GLN A 385 18.16 10.00 6.31
CA GLN A 385 18.01 11.45 6.23
C GLN A 385 18.77 12.00 5.04
N ASN A 386 20.02 11.55 4.93
CA ASN A 386 20.90 11.97 3.85
C ASN A 386 20.31 11.58 2.50
N LEU A 387 19.80 10.36 2.37
CA LEU A 387 19.23 9.93 1.10
C LEU A 387 18.04 10.79 0.70
N ILE A 388 17.17 11.08 1.66
CA ILE A 388 16.00 11.92 1.43
C ILE A 388 16.42 13.33 1.00
N LYS A 389 17.40 13.89 1.71
CA LYS A 389 17.88 15.22 1.38
C LYS A 389 18.42 15.24 -0.04
N GLN A 390 19.33 14.32 -0.35
CA GLN A 390 19.91 14.27 -1.67
C GLN A 390 18.85 14.05 -2.73
N ASN A 391 17.92 13.13 -2.49
CA ASN A 391 16.93 12.88 -3.50
C ASN A 391 15.88 13.97 -3.71
N CYS A 392 15.48 14.66 -2.66
CA CYS A 392 14.48 15.72 -2.83
C CYS A 392 15.11 16.98 -3.43
N GLU A 393 16.40 17.19 -3.20
CA GLU A 393 17.05 18.36 -3.80
C GLU A 393 17.03 18.12 -5.30
N LEU A 394 17.47 16.92 -5.70
CA LEU A 394 17.50 16.55 -7.10
C LEU A 394 16.09 16.67 -7.69
N PHE A 395 15.11 16.13 -6.99
CA PHE A 395 13.74 16.19 -7.45
C PHE A 395 13.29 17.63 -7.71
N GLU A 396 13.68 18.56 -6.85
CA GLU A 396 13.30 19.94 -7.04
C GLU A 396 14.08 20.57 -8.20
N GLN A 397 15.28 20.06 -8.44
CA GLN A 397 16.12 20.54 -9.54
C GLN A 397 15.45 20.28 -10.89
N LEU A 398 15.30 18.99 -11.23
CA LEU A 398 14.74 18.59 -12.52
C LEU A 398 13.25 18.37 -12.69
N GLY A 399 12.50 18.17 -11.62
CA GLY A 399 11.07 17.96 -11.78
C GLY A 399 10.74 16.49 -11.87
N GLU A 400 9.46 16.16 -11.77
CA GLU A 400 9.04 14.76 -11.77
C GLU A 400 9.58 13.89 -12.91
N TYR A 401 9.17 14.20 -14.14
CA TYR A 401 9.58 13.47 -15.34
C TYR A 401 11.08 13.27 -15.49
N LYS A 402 11.84 14.35 -15.38
CA LYS A 402 13.28 14.24 -15.52
C LYS A 402 13.89 13.52 -14.31
N PHE A 403 13.19 13.58 -13.18
CA PHE A 403 13.64 12.93 -11.97
C PHE A 403 13.43 11.43 -12.17
N GLN A 404 12.37 11.08 -12.90
CA GLN A 404 12.10 9.69 -13.19
C GLN A 404 13.20 9.14 -14.09
N ASN A 405 13.68 9.97 -15.00
CA ASN A 405 14.74 9.51 -15.89
C ASN A 405 16.02 9.24 -15.12
N ALA A 406 16.35 10.11 -14.18
CA ALA A 406 17.53 9.93 -13.34
C ALA A 406 17.46 8.59 -12.60
N LEU A 407 16.29 8.26 -12.06
CA LEU A 407 16.13 6.98 -11.36
C LEU A 407 16.30 5.85 -12.36
N LEU A 408 15.69 6.03 -13.53
CA LEU A 408 15.72 5.05 -14.61
C LEU A 408 17.15 4.63 -14.93
N VAL A 409 18.03 5.60 -15.14
CA VAL A 409 19.42 5.31 -15.46
C VAL A 409 20.10 4.62 -14.29
N ARG A 410 19.85 5.13 -13.09
CA ARG A 410 20.43 4.60 -11.87
C ARG A 410 20.15 3.12 -11.58
N TYR A 411 18.90 2.71 -11.73
CA TYR A 411 18.53 1.34 -11.43
C TYR A 411 18.78 0.32 -12.54
N THR A 412 18.66 0.78 -13.78
CA THR A 412 18.91 -0.10 -14.91
C THR A 412 20.37 -0.54 -14.80
N LYS A 413 21.22 0.42 -14.47
CA LYS A 413 22.63 0.15 -14.28
C LYS A 413 22.90 -0.83 -13.12
N LYS A 414 22.02 -0.84 -12.11
CA LYS A 414 22.25 -1.73 -10.97
C LYS A 414 21.69 -3.14 -11.17
N VAL A 415 20.60 -3.27 -11.94
CA VAL A 415 20.01 -4.57 -12.23
C VAL A 415 19.53 -4.58 -13.68
N PRO A 416 20.48 -4.66 -14.62
CA PRO A 416 20.22 -4.67 -16.06
C PRO A 416 19.39 -5.85 -16.53
N GLN A 417 19.34 -6.90 -15.72
CA GLN A 417 18.60 -8.12 -16.03
C GLN A 417 17.09 -7.95 -15.97
N VAL A 418 16.64 -6.85 -15.39
CA VAL A 418 15.21 -6.61 -15.28
C VAL A 418 14.57 -6.22 -16.60
N SER A 419 13.30 -6.56 -16.73
CA SER A 419 12.51 -6.27 -17.92
C SER A 419 12.40 -4.75 -18.05
N THR A 420 12.51 -4.26 -19.28
CA THR A 420 12.42 -2.83 -19.53
C THR A 420 11.09 -2.24 -19.06
N PRO A 421 9.97 -2.91 -19.36
CA PRO A 421 8.68 -2.35 -18.92
C PRO A 421 8.54 -2.28 -17.40
N THR A 422 9.24 -3.16 -16.69
CA THR A 422 9.20 -3.21 -15.24
C THR A 422 10.05 -2.09 -14.64
N LEU A 423 11.20 -1.84 -15.27
CA LEU A 423 12.10 -0.78 -14.83
C LEU A 423 11.42 0.58 -15.01
N VAL A 424 10.71 0.72 -16.12
CA VAL A 424 9.99 1.95 -16.41
C VAL A 424 8.89 2.17 -15.35
N GLU A 425 8.09 1.15 -15.11
CA GLU A 425 7.02 1.25 -14.13
C GLU A 425 7.57 1.58 -12.74
N VAL A 426 8.64 0.89 -12.33
CA VAL A 426 9.26 1.13 -11.03
C VAL A 426 9.75 2.57 -10.90
N SER A 427 10.49 3.02 -11.89
CA SER A 427 11.04 4.35 -11.87
C SER A 427 9.95 5.42 -11.83
N ARG A 428 8.86 5.20 -12.55
CA ARG A 428 7.78 6.16 -12.55
C ARG A 428 7.11 6.23 -11.18
N ASN A 429 6.86 5.06 -10.58
CA ASN A 429 6.23 5.04 -9.27
C ASN A 429 7.11 5.71 -8.23
N LEU A 430 8.41 5.47 -8.31
CA LEU A 430 9.34 6.08 -7.38
C LEU A 430 9.25 7.61 -7.49
N GLY A 431 9.18 8.10 -8.73
CA GLY A 431 9.09 9.53 -8.95
C GLY A 431 7.86 10.13 -8.27
N LYS A 432 6.73 9.45 -8.36
CA LYS A 432 5.51 9.97 -7.72
C LYS A 432 5.72 10.04 -6.21
N VAL A 433 6.54 9.13 -5.67
CA VAL A 433 6.78 9.14 -4.24
C VAL A 433 7.56 10.40 -3.96
N GLY A 434 8.55 10.67 -4.79
CA GLY A 434 9.34 11.87 -4.62
C GLY A 434 8.45 13.11 -4.71
N SER A 435 7.48 13.07 -5.61
CA SER A 435 6.60 14.20 -5.79
C SER A 435 5.58 14.43 -4.68
N LYS A 436 5.19 13.35 -4.01
CA LYS A 436 4.23 13.41 -2.92
C LYS A 436 4.93 13.79 -1.64
N CYS A 437 6.04 13.13 -1.39
CA CYS A 437 6.78 13.33 -0.15
C CYS A 437 7.75 14.49 -0.04
N CYS A 438 8.28 14.98 -1.15
CA CYS A 438 9.22 16.09 -1.06
C CYS A 438 8.53 17.43 -0.80
N LYS A 439 7.21 17.46 -0.97
CA LYS A 439 6.48 18.68 -0.73
C LYS A 439 6.27 18.86 0.78
N HIS A 440 6.64 17.84 1.54
CA HIS A 440 6.51 17.88 3.00
C HIS A 440 7.73 18.52 3.68
N PRO A 441 7.56 18.97 4.92
CA PRO A 441 8.69 19.57 5.61
C PRO A 441 9.60 18.42 6.06
N GLU A 442 10.86 18.73 6.40
CA GLU A 442 11.82 17.72 6.81
C GLU A 442 11.37 16.75 7.92
N ALA A 443 10.41 17.16 8.73
CA ALA A 443 9.96 16.31 9.83
C ALA A 443 8.93 15.25 9.45
N LYS A 444 8.34 15.39 8.26
CA LYS A 444 7.31 14.45 7.82
C LYS A 444 7.77 13.64 6.62
N ARG A 445 9.00 13.87 6.18
CA ARG A 445 9.51 13.19 5.00
C ARG A 445 9.86 11.71 5.11
N MET A 446 10.55 11.31 6.18
CA MET A 446 10.90 9.90 6.32
C MET A 446 9.62 9.07 6.48
N PRO A 447 8.69 9.52 7.34
CA PRO A 447 7.48 8.72 7.45
C PRO A 447 6.76 8.55 6.13
N CYS A 448 6.71 9.62 5.35
CA CYS A 448 6.04 9.61 4.04
C CYS A 448 6.69 8.62 3.08
N ALA A 449 8.01 8.67 2.99
CA ALA A 449 8.76 7.79 2.11
C ALA A 449 8.61 6.33 2.52
N GLU A 450 8.66 6.08 3.82
CA GLU A 450 8.52 4.72 4.32
C GLU A 450 7.19 4.20 3.81
N ASP A 451 6.14 4.96 4.11
CA ASP A 451 4.79 4.59 3.68
C ASP A 451 4.73 4.07 2.24
N TYR A 452 5.21 4.86 1.31
CA TYR A 452 5.14 4.50 -0.11
C TYR A 452 6.18 3.51 -0.59
N LEU A 453 7.40 3.67 -0.11
CA LEU A 453 8.48 2.80 -0.52
C LEU A 453 8.25 1.35 -0.13
N SER A 454 7.61 1.12 1.01
CA SER A 454 7.36 -0.25 1.45
C SER A 454 6.46 -1.03 0.49
N VAL A 455 5.37 -0.41 0.06
CA VAL A 455 4.45 -1.09 -0.84
C VAL A 455 5.07 -1.27 -2.22
N VAL A 456 5.90 -0.33 -2.63
CA VAL A 456 6.56 -0.42 -3.93
C VAL A 456 7.62 -1.52 -3.91
N LEU A 457 8.37 -1.62 -2.80
CA LEU A 457 9.41 -2.62 -2.65
C LEU A 457 8.79 -4.00 -2.49
N ASN A 458 7.62 -4.06 -1.87
CA ASN A 458 6.95 -5.35 -1.71
C ASN A 458 6.41 -5.86 -3.04
N GLN A 459 5.70 -5.01 -3.77
CA GLN A 459 5.15 -5.39 -5.07
C GLN A 459 6.29 -5.89 -5.92
N LEU A 460 7.41 -5.19 -5.80
CA LEU A 460 8.61 -5.54 -6.54
C LEU A 460 9.00 -6.99 -6.23
N CYS A 461 9.11 -7.30 -4.94
CA CYS A 461 9.51 -8.64 -4.53
C CYS A 461 8.55 -9.78 -4.85
N VAL A 462 7.26 -9.56 -4.67
CA VAL A 462 6.31 -10.63 -4.99
C VAL A 462 6.48 -10.94 -6.47
N LEU A 463 6.68 -9.89 -7.26
CA LEU A 463 6.90 -10.05 -8.69
C LEU A 463 8.13 -10.93 -8.89
N HIS A 464 9.27 -10.46 -8.40
CA HIS A 464 10.52 -11.20 -8.53
C HIS A 464 10.38 -12.63 -8.00
N GLU A 465 9.55 -12.81 -6.99
CA GLU A 465 9.36 -14.14 -6.42
C GLU A 465 8.86 -15.06 -7.53
N LYS A 466 8.01 -14.52 -8.41
CA LYS A 466 7.45 -15.28 -9.52
C LYS A 466 8.50 -15.52 -10.61
N THR A 467 9.04 -14.45 -11.19
CA THR A 467 10.06 -14.58 -12.22
C THR A 467 11.39 -14.05 -11.73
N PRO A 468 12.14 -14.89 -11.00
CA PRO A 468 13.46 -14.53 -10.45
C PRO A 468 14.38 -14.04 -11.54
N VAL A 469 15.26 -13.12 -11.20
CA VAL A 469 16.17 -12.55 -12.16
C VAL A 469 17.55 -12.33 -11.61
N SER A 470 17.64 -11.88 -10.35
CA SER A 470 18.93 -11.66 -9.74
C SER A 470 19.02 -12.17 -8.32
N ASP A 471 20.09 -12.88 -8.03
CA ASP A 471 20.28 -13.39 -6.68
C ASP A 471 20.33 -12.18 -5.74
N ARG A 472 20.91 -11.07 -6.20
CA ARG A 472 20.99 -9.87 -5.37
C ARG A 472 19.62 -9.34 -4.95
N VAL A 473 18.70 -9.29 -5.90
CA VAL A 473 17.35 -8.81 -5.59
C VAL A 473 16.74 -9.79 -4.58
N THR A 474 16.79 -11.08 -4.90
CA THR A 474 16.26 -12.11 -4.01
C THR A 474 16.83 -11.97 -2.58
N LYS A 475 18.11 -11.60 -2.48
CA LYS A 475 18.74 -11.45 -1.16
C LYS A 475 18.05 -10.34 -0.38
N CYS A 476 17.86 -9.20 -1.03
CA CYS A 476 17.21 -8.06 -0.41
C CYS A 476 15.75 -8.34 -0.13
N CYS A 477 15.12 -9.07 -1.05
CA CYS A 477 13.72 -9.44 -0.95
C CYS A 477 13.37 -10.46 0.13
N THR A 478 14.26 -11.42 0.35
CA THR A 478 14.01 -12.47 1.34
C THR A 478 14.62 -12.15 2.69
N GLU A 479 15.45 -11.14 2.74
CA GLU A 479 16.10 -10.77 3.99
C GLU A 479 15.13 -10.08 4.94
N SER A 480 15.65 -9.55 6.03
CA SER A 480 14.84 -8.88 7.04
C SER A 480 14.02 -7.73 6.47
N LEU A 481 12.82 -7.56 7.00
CA LEU A 481 11.92 -6.50 6.55
C LEU A 481 12.47 -5.15 7.00
N VAL A 482 13.38 -5.20 7.97
CA VAL A 482 14.02 -4.01 8.51
C VAL A 482 15.23 -3.57 7.68
N ASN A 483 15.85 -4.50 6.95
CA ASN A 483 17.01 -4.15 6.12
C ASN A 483 16.70 -4.20 4.64
N ARG A 484 15.44 -4.46 4.32
CA ARG A 484 15.00 -4.55 2.93
C ARG A 484 15.47 -3.35 2.10
N ARG A 485 15.08 -2.15 2.50
CA ARG A 485 15.43 -0.94 1.76
C ARG A 485 16.95 -0.62 1.76
N PRO A 486 17.62 -0.80 2.89
CA PRO A 486 19.07 -0.53 2.94
C PRO A 486 19.85 -1.48 2.01
N CYS A 487 19.36 -2.72 1.91
CA CYS A 487 19.95 -3.72 1.03
C CYS A 487 19.78 -3.26 -0.42
N PHE A 488 18.64 -2.65 -0.74
CA PHE A 488 18.44 -2.16 -2.11
C PHE A 488 19.29 -0.92 -2.35
N SER A 489 19.42 -0.08 -1.33
CA SER A 489 20.23 1.13 -1.47
C SER A 489 21.68 0.75 -1.69
N ALA A 490 22.09 -0.39 -1.14
CA ALA A 490 23.48 -0.85 -1.28
C ALA A 490 23.79 -1.56 -2.59
N LEU A 491 22.78 -1.78 -3.42
CA LEU A 491 23.04 -2.45 -4.71
C LEU A 491 24.04 -1.59 -5.46
N GLU A 492 25.00 -2.26 -6.06
CA GLU A 492 26.05 -1.59 -6.81
C GLU A 492 25.80 -1.80 -8.30
N VAL A 493 26.44 -0.98 -9.12
CA VAL A 493 26.29 -1.11 -10.57
C VAL A 493 26.78 -2.52 -10.89
N ASP A 494 26.05 -3.21 -11.78
CA ASP A 494 26.38 -4.57 -12.17
C ASP A 494 27.55 -4.67 -13.13
N GLU A 495 28.76 -4.84 -12.57
CA GLU A 495 30.00 -4.93 -13.36
C GLU A 495 30.00 -6.17 -14.24
N THR A 496 29.38 -7.23 -13.72
CA THR A 496 29.24 -8.50 -14.42
C THR A 496 28.50 -8.35 -15.77
N TYR A 497 27.25 -7.89 -15.72
CA TYR A 497 26.41 -7.70 -16.89
C TYR A 497 27.11 -7.54 -18.24
N VAL A 498 26.52 -8.14 -19.28
CA VAL A 498 27.05 -8.10 -20.64
C VAL A 498 26.10 -7.29 -21.52
N PRO A 499 26.61 -6.25 -22.13
CA PRO A 499 25.76 -5.43 -22.98
C PRO A 499 24.84 -6.14 -23.97
N LYS A 500 23.62 -5.61 -24.11
CA LYS A 500 22.68 -6.18 -25.07
C LYS A 500 23.08 -5.72 -26.48
N GLU A 501 23.29 -6.66 -27.39
CA GLU A 501 23.69 -6.33 -28.75
C GLU A 501 22.76 -5.31 -29.40
N PHE A 502 23.34 -4.43 -30.21
CA PHE A 502 22.57 -3.39 -30.89
C PHE A 502 21.34 -3.92 -31.65
N ASN A 503 20.33 -3.07 -31.73
CA ASN A 503 19.09 -3.37 -32.43
C ASN A 503 18.52 -2.02 -32.88
N ALA A 504 18.30 -1.87 -34.17
CA ALA A 504 17.79 -0.63 -34.73
C ALA A 504 16.31 -0.42 -34.47
N GLU A 505 15.55 -1.50 -34.58
CA GLU A 505 14.11 -1.47 -34.35
C GLU A 505 13.83 -0.81 -33.01
N THR A 506 14.72 -1.10 -32.06
CA THR A 506 14.66 -0.59 -30.71
C THR A 506 14.89 0.90 -30.63
N PHE A 507 15.73 1.42 -31.51
CA PHE A 507 16.01 2.84 -31.51
C PHE A 507 15.50 3.52 -32.75
N THR A 508 14.42 2.99 -33.29
CA THR A 508 13.80 3.53 -34.49
C THR A 508 12.51 4.25 -34.12
N PHE A 509 12.48 5.56 -34.33
CA PHE A 509 11.29 6.32 -34.01
C PHE A 509 10.48 6.77 -35.22
N HIS A 510 9.17 6.92 -35.01
CA HIS A 510 8.25 7.33 -36.07
C HIS A 510 7.48 8.59 -35.64
N ALA A 511 6.89 9.28 -36.61
CA ALA A 511 6.15 10.51 -36.35
C ALA A 511 5.00 10.38 -35.36
N ASP A 512 4.49 9.16 -35.18
CA ASP A 512 3.39 8.92 -34.26
C ASP A 512 3.67 9.49 -32.89
N ILE A 513 4.94 9.56 -32.51
CA ILE A 513 5.27 10.09 -31.21
C ILE A 513 4.86 11.55 -31.14
N CYS A 514 4.46 12.10 -32.27
CA CYS A 514 4.06 13.48 -32.21
C CYS A 514 2.54 13.58 -31.91
N THR A 515 1.77 12.62 -32.42
CA THR A 515 0.32 12.61 -32.17
C THR A 515 0.05 12.07 -30.76
N LEU A 516 1.04 11.40 -30.17
CA LEU A 516 0.90 10.83 -28.82
C LEU A 516 0.63 11.82 -27.70
N SER A 517 0.03 11.30 -26.63
CA SER A 517 -0.29 12.11 -25.45
C SER A 517 0.95 12.16 -24.56
N GLU A 518 0.98 13.14 -23.67
CA GLU A 518 2.11 13.31 -22.77
C GLU A 518 2.53 12.01 -22.09
N LYS A 519 1.57 11.23 -21.60
CA LYS A 519 1.93 10.00 -20.93
C LYS A 519 2.52 8.96 -21.87
N GLU A 520 1.93 8.82 -23.05
CA GLU A 520 2.39 7.83 -24.02
C GLU A 520 3.79 8.08 -24.60
N ARG A 521 4.13 9.33 -24.86
CA ARG A 521 5.45 9.59 -25.42
C ARG A 521 6.52 9.59 -24.34
N GLN A 522 6.11 9.74 -23.08
CA GLN A 522 7.07 9.68 -21.99
C GLN A 522 7.48 8.21 -21.90
N ILE A 523 6.48 7.32 -21.80
CA ILE A 523 6.72 5.88 -21.72
C ILE A 523 7.53 5.46 -22.93
N LYS A 524 7.29 6.10 -24.07
CA LYS A 524 7.99 5.78 -25.31
C LYS A 524 9.46 6.17 -25.15
N LYS A 525 9.72 7.39 -24.72
CA LYS A 525 11.09 7.87 -24.54
C LYS A 525 11.78 7.11 -23.42
N GLN A 526 11.08 6.95 -22.29
CA GLN A 526 11.68 6.27 -21.16
C GLN A 526 12.04 4.83 -21.49
N THR A 527 11.20 4.17 -22.27
CA THR A 527 11.46 2.79 -22.66
C THR A 527 12.77 2.71 -23.45
N ALA A 528 12.96 3.70 -24.31
CA ALA A 528 14.17 3.78 -25.14
C ALA A 528 15.36 4.05 -24.25
N LEU A 529 15.19 4.96 -23.30
CA LEU A 529 16.25 5.32 -22.36
C LEU A 529 16.76 4.09 -21.63
N VAL A 530 15.84 3.22 -21.22
CA VAL A 530 16.25 2.00 -20.52
C VAL A 530 17.06 1.15 -21.49
N GLU A 531 16.54 0.98 -22.70
CA GLU A 531 17.25 0.19 -23.71
C GLU A 531 18.64 0.75 -24.02
N LEU A 532 18.75 2.08 -24.03
CA LEU A 532 20.03 2.72 -24.29
C LEU A 532 21.05 2.35 -23.21
N VAL A 533 20.62 2.39 -21.95
CA VAL A 533 21.54 2.06 -20.87
C VAL A 533 21.86 0.56 -20.88
N LYS A 534 20.89 -0.27 -21.26
CA LYS A 534 21.17 -1.71 -21.33
C LYS A 534 22.13 -2.05 -22.46
N HIS A 535 22.22 -1.18 -23.45
CA HIS A 535 23.11 -1.42 -24.58
C HIS A 535 24.54 -0.88 -24.33
N LYS A 536 24.63 0.27 -23.66
CA LYS A 536 25.92 0.91 -23.33
C LYS A 536 25.91 1.31 -21.85
N PRO A 537 26.01 0.32 -20.94
CA PRO A 537 26.01 0.45 -19.48
C PRO A 537 27.18 1.24 -18.88
N LYS A 538 28.27 1.34 -19.63
CA LYS A 538 29.45 2.04 -19.20
C LYS A 538 29.46 3.51 -19.59
N ALA A 539 28.32 4.00 -20.08
CA ALA A 539 28.21 5.40 -20.49
C ALA A 539 28.11 6.29 -19.26
N THR A 540 28.63 7.51 -19.37
CA THR A 540 28.63 8.48 -18.29
C THR A 540 27.28 9.19 -18.17
N LYS A 541 27.04 9.81 -17.02
CA LYS A 541 25.82 10.57 -16.82
C LYS A 541 25.84 11.68 -17.86
N GLU A 542 27.05 12.05 -18.25
CA GLU A 542 27.27 13.12 -19.22
C GLU A 542 27.13 12.70 -20.68
N GLN A 543 27.65 11.52 -21.03
CA GLN A 543 27.55 11.01 -22.39
C GLN A 543 26.07 10.79 -22.63
N LEU A 544 25.39 10.31 -21.59
CA LEU A 544 23.97 10.03 -21.66
C LEU A 544 23.18 11.33 -21.79
N LYS A 545 23.58 12.35 -21.03
CA LYS A 545 22.90 13.64 -21.09
C LYS A 545 22.98 14.20 -22.51
N ALA A 546 24.15 14.05 -23.12
CA ALA A 546 24.38 14.53 -24.46
C ALA A 546 23.50 13.81 -25.47
N VAL A 547 23.46 12.48 -25.40
CA VAL A 547 22.64 11.71 -26.32
C VAL A 547 21.16 12.05 -26.13
N MET A 548 20.76 12.24 -24.88
CA MET A 548 19.37 12.58 -24.59
C MET A 548 19.04 13.96 -25.11
N ASP A 549 20.05 14.83 -25.14
CA ASP A 549 19.83 16.17 -25.63
C ASP A 549 19.72 16.14 -27.16
N ASP A 550 20.56 15.34 -27.81
CA ASP A 550 20.52 15.22 -29.26
C ASP A 550 19.16 14.69 -29.70
N PHE A 551 18.60 13.79 -28.89
CA PHE A 551 17.30 13.19 -29.15
C PHE A 551 16.18 14.21 -28.93
N ALA A 552 16.33 15.04 -27.89
CA ALA A 552 15.34 16.06 -27.59
C ALA A 552 15.06 16.91 -28.83
N ALA A 553 16.07 17.62 -29.30
CA ALA A 553 15.92 18.47 -30.49
C ALA A 553 15.43 17.64 -31.67
N PHE A 554 15.89 16.40 -31.75
CA PHE A 554 15.47 15.50 -32.83
C PHE A 554 13.95 15.44 -32.93
N VAL A 555 13.29 15.11 -31.83
CA VAL A 555 11.83 15.02 -31.80
C VAL A 555 11.20 16.36 -32.15
N GLU A 556 11.87 17.44 -31.77
CA GLU A 556 11.37 18.78 -32.03
C GLU A 556 11.53 19.19 -33.51
N LYS A 557 12.77 19.15 -34.00
CA LYS A 557 13.08 19.51 -35.39
C LYS A 557 12.48 18.57 -36.44
N CYS A 558 11.68 17.60 -35.97
CA CYS A 558 11.00 16.57 -36.78
C CYS A 558 9.45 16.54 -36.53
N CYS A 559 9.00 16.93 -35.34
CA CYS A 559 7.55 17.00 -35.03
C CYS A 559 6.99 18.34 -35.52
N LYS A 560 7.88 19.29 -35.74
CA LYS A 560 7.47 20.61 -36.22
C LYS A 560 8.00 20.86 -37.63
N ALA A 561 8.24 19.77 -38.35
CA ALA A 561 8.74 19.87 -39.72
C ALA A 561 7.72 19.42 -40.76
N ASP A 562 7.68 20.13 -41.87
CA ASP A 562 6.77 19.82 -42.97
C ASP A 562 7.13 18.41 -43.45
N ASP A 563 6.20 17.48 -43.27
CA ASP A 563 6.41 16.08 -43.65
C ASP A 563 7.25 15.43 -42.56
N LYS A 564 6.61 14.63 -41.73
CA LYS A 564 7.27 13.98 -40.61
C LYS A 564 7.99 12.66 -40.89
N GLU A 565 7.21 11.60 -41.09
CA GLU A 565 7.72 10.24 -41.33
C GLU A 565 8.99 10.08 -42.15
N THR A 566 9.51 11.19 -42.65
CA THR A 566 10.73 11.19 -43.45
C THR A 566 11.83 11.76 -42.55
N CYS A 567 11.64 13.00 -42.07
CA CYS A 567 12.65 13.61 -41.22
C CYS A 567 13.06 12.60 -40.18
N PHE A 568 12.08 11.84 -39.74
CA PHE A 568 12.29 10.83 -38.71
C PHE A 568 13.19 9.71 -39.13
N ALA A 569 13.18 9.36 -40.41
CA ALA A 569 14.02 8.28 -40.90
C ALA A 569 15.35 8.82 -41.38
N GLU A 570 15.35 10.08 -41.82
CA GLU A 570 16.56 10.73 -42.31
C GLU A 570 17.42 11.16 -41.12
N GLU A 571 16.92 12.13 -40.36
CA GLU A 571 17.63 12.62 -39.18
C GLU A 571 17.83 11.50 -38.17
N GLY A 572 16.89 10.55 -38.14
CA GLY A 572 16.99 9.43 -37.21
C GLY A 572 18.21 8.58 -37.48
N LYS A 573 18.41 8.24 -38.74
CA LYS A 573 19.57 7.44 -39.12
C LYS A 573 20.83 8.16 -38.62
N LYS A 574 20.83 9.49 -38.78
CA LYS A 574 21.95 10.32 -38.36
C LYS A 574 22.20 10.27 -36.86
N LEU A 575 21.15 10.54 -36.09
CA LEU A 575 21.22 10.53 -34.64
C LEU A 575 21.86 9.24 -34.14
N VAL A 576 21.31 8.12 -34.58
CA VAL A 576 21.81 6.81 -34.16
C VAL A 576 23.26 6.56 -34.57
N ALA A 577 23.62 6.95 -35.79
CA ALA A 577 24.99 6.73 -36.26
C ALA A 577 25.95 7.60 -35.48
N ALA A 578 25.55 8.85 -35.23
CA ALA A 578 26.37 9.79 -34.49
C ALA A 578 26.49 9.37 -33.02
N SER A 579 25.36 8.98 -32.43
CA SER A 579 25.35 8.55 -31.06
C SER A 579 26.23 7.32 -30.84
N GLN A 580 26.14 6.36 -31.76
CA GLN A 580 26.97 5.16 -31.64
C GLN A 580 28.43 5.55 -31.49
N ALA A 581 28.83 6.57 -32.25
CA ALA A 581 30.20 7.06 -32.22
C ALA A 581 30.52 7.75 -30.89
N ALA A 582 29.60 8.60 -30.43
CA ALA A 582 29.81 9.31 -29.18
C ALA A 582 30.06 8.31 -28.06
N LEU A 583 29.18 7.33 -27.93
CA LEU A 583 29.28 6.29 -26.91
C LEU A 583 30.40 5.31 -27.25
N GLY A 584 31.30 5.74 -28.14
CA GLY A 584 32.42 4.91 -28.55
C GLY A 584 32.21 3.42 -28.43
C1 OLA B . -10.18 2.55 -12.63
O1 OLA B . -9.87 3.73 -12.94
O2 OLA B . -9.35 1.63 -12.60
C2 OLA B . -11.64 2.22 -12.27
C3 OLA B . -12.62 3.09 -13.07
C4 OLA B . -14.01 2.64 -12.59
C5 OLA B . -14.90 3.83 -12.21
C6 OLA B . -16.15 3.37 -11.47
C7 OLA B . -16.04 3.56 -9.95
C8 OLA B . -16.67 2.42 -9.15
C9 OLA B . -16.96 2.82 -7.71
C10 OLA B . -16.36 2.34 -6.58
C11 OLA B . -15.25 1.31 -6.51
C12 OLA B . -14.12 1.74 -5.59
C13 OLA B . -12.77 1.28 -6.14
C14 OLA B . -11.63 1.52 -5.17
C15 OLA B . -10.33 0.96 -5.71
C16 OLA B . -9.57 0.24 -4.61
C17 OLA B . -9.66 -1.28 -4.76
C18 OLA B . -8.38 -1.86 -5.29
C1 OLA C . -15.33 -1.14 11.64
O1 OLA C . -15.06 -0.08 12.24
O2 OLA C . -14.50 -1.71 10.89
C2 OLA C . -16.73 -1.75 11.80
C3 OLA C . -17.68 -1.35 10.65
C4 OLA C . -18.78 -2.42 10.64
C5 OLA C . -19.08 -2.95 9.23
C6 OLA C . -19.77 -4.31 9.25
C7 OLA C . -19.52 -5.10 7.94
C8 OLA C . -20.37 -6.37 7.84
C9 OLA C . -21.84 -6.04 7.64
C10 OLA C . -22.81 -6.85 7.14
C11 OLA C . -22.70 -8.29 6.66
C12 OLA C . -24.05 -8.83 6.21
C13 OLA C . -24.25 -10.26 6.63
C14 OLA C . -25.23 -10.97 5.72
C15 OLA C . -26.34 -11.68 6.50
C16 OLA C . -27.31 -12.32 5.53
C17 OLA C . -28.47 -12.97 6.25
C1 OLA D . 13.92 3.74 5.96
O1 OLA D . 14.36 4.10 7.07
O2 OLA D . 14.44 2.82 5.28
C2 OLA D . 12.69 4.46 5.43
C3 OLA D . 12.82 4.80 3.94
C4 OLA D . 13.65 6.08 3.87
C5 OLA D . 14.71 5.97 2.80
C6 OLA D . 14.46 6.97 1.69
C7 OLA D . 15.44 6.80 0.54
C8 OLA D . 14.91 7.41 -0.76
C9 OLA D . 15.76 6.98 -1.98
C10 OLA D . 15.30 6.76 -3.26
C11 OLA D . 13.86 6.88 -3.74
C12 OLA D . 13.63 8.18 -4.51
C13 OLA D . 12.27 8.75 -4.22
C14 OLA D . 12.38 10.03 -3.44
C15 OLA D . 11.60 9.93 -2.18
C16 OLA D . 12.08 10.91 -1.15
C17 OLA D . 11.25 10.78 0.10
C18 OLA D . 11.05 12.13 0.75
C1 OLA E . 17.83 3.78 -3.25
C1 OLA E . 11.10 -8.72 -14.52
O1 OLA E . 18.61 4.05 -2.31
O1 OLA E . 10.02 -8.29 -15.00
O2 OLA E . 18.12 4.01 -4.45
O2 OLA E . 12.14 -8.75 -15.19
C2 OLA E . 16.45 3.18 -2.92
C2 OLA E . 11.12 -9.32 -13.11
C3 OLA E . 16.35 1.72 -3.38
C3 OLA E . 10.63 -8.26 -12.04
C4 OLA E . 15.00 1.62 -4.10
C4 OLA E . 11.69 -8.27 -10.93
C5 OLA E . 14.85 0.31 -4.85
C5 OLA E . 12.69 -7.14 -11.10
C6 OLA E . 15.19 0.43 -6.33
C6 OLA E . 12.71 -6.18 -9.93
C7 OLA E . 14.36 -0.53 -7.19
C7 OLA E . 13.58 -5.01 -10.30
C8 OLA E . 15.25 -1.59 -7.84
C8 OLA E . 13.71 -4.00 -9.20
C9 OLA E . 14.98 -1.71 -9.34
C9 OLA E . 14.47 -2.79 -9.72
C10 OLA E . 14.44 -2.77 -9.99
C10 OLA E . 15.16 -1.87 -9.00
C11 OLA E . 13.97 -4.09 -9.36
C11 OLA E . 15.32 -1.83 -7.50
C12 OLA E . 13.37 -5.00 -10.43
C12 OLA E . 14.47 -0.71 -6.88
C13 OLA E . 12.70 -6.26 -9.87
C13 OLA E . 15.35 0.31 -6.18
C14 OLA E . 12.48 -7.28 -11.00
C14 OLA E . 15.03 0.40 -4.69
C15 OLA E . 11.09 -7.94 -10.93
C15 OLA E . 15.22 1.81 -4.17
C16 OLA E . 10.92 -9.00 -12.04
C16 OLA E . 16.41 1.92 -3.21
C17 OLA E . 10.43 -8.39 -13.36
C17 OLA E . 16.68 3.37 -2.80
C18 OLA E . 11.30 -8.85 -14.54
C18 OLA E . 18.12 3.76 -3.10
C1 OLA F . 13.30 14.52 -22.90
O1 OLA F . 13.70 15.55 -23.47
O2 OLA F . 12.08 14.22 -22.84
C2 OLA F . 14.32 13.60 -22.23
C3 OLA F . 14.10 12.14 -22.67
C4 OLA F . 15.51 11.59 -22.89
C5 OLA F . 15.45 10.10 -23.25
C6 OLA F . 15.51 9.87 -24.76
C7 OLA F . 15.94 8.46 -25.13
C8 OLA F . 17.16 8.46 -26.07
C9 OLA F . 17.21 7.17 -26.92
C10 OLA F . 17.85 6.97 -28.10
C11 OLA F . 18.71 7.97 -28.89
C12 OLA F . 19.42 7.30 -30.07
C13 OLA F . 20.71 6.62 -29.64
C14 OLA F . 21.04 5.46 -30.58
C15 OLA F . 21.65 4.30 -29.83
C16 OLA F . 23.17 4.29 -29.93
C17 OLA F . 23.76 3.15 -29.13
C18 OLA F . 25.27 3.14 -29.24
C1 OLA G . 13.07 -8.01 12.11
O1 OLA G . 14.32 -8.04 12.23
O2 OLA G . 12.49 -7.88 11.00
C2 OLA G . 12.21 -8.13 13.37
C3 OLA G . 12.02 -6.75 14.06
C4 OLA G . 12.75 -6.90 15.39
C5 OLA G . 12.73 -5.63 16.23
C6 OLA G . 13.78 -5.73 17.34
C7 OLA G . 13.36 -5.06 18.64
C8 OLA G . 12.43 -5.94 19.51
C9 OLA G . 11.61 -5.07 20.47
C10 OLA G . 10.41 -5.34 21.08
C11 OLA G . 9.52 -6.59 20.98
C12 OLA G . 8.00 -6.25 21.07
C13 OLA G . 7.54 -5.90 22.49
C14 OLA G . 6.02 -6.01 22.66
C15 OLA G . 5.54 -5.50 24.02
C1 OLA H . -6.03 -1.85 10.68
C2 OLA H . -7.06 -1.91 11.80
C3 OLA H . -7.54 -0.49 12.16
C4 OLA H . -8.33 -0.69 13.45
C5 OLA H . -8.68 0.63 14.14
C6 OLA H . -7.81 0.86 15.38
C7 OLA H . -6.87 2.04 15.17
C8 OLA H . -5.47 1.73 15.65
C9 OLA H . -4.57 2.97 15.55
C10 OLA H . -3.59 3.18 14.67
C11 OLA H . -3.14 2.22 13.58
C12 OLA H . -1.70 2.50 13.18
C13 OLA H . -1.64 3.01 11.76
#